data_8IWL
#
_entry.id   8IWL
#
_cell.length_a   45.430
_cell.length_b   84.300
_cell.length_c   161.060
_cell.angle_alpha   90.000
_cell.angle_beta   90.000
_cell.angle_gamma   90.000
#
_symmetry.space_group_name_H-M   'P 21 21 21'
#
_entity_poly.entity_id   1
_entity_poly.type   'polypeptide(L)'
_entity_poly.pdbx_seq_one_letter_code
;MGSSHHHHHHSSGLVPRGSHMMTIRNLAVIGECMIELSQQGAQLTRGFGGDTLNTAVYLARQMPEQALRVHYVTALGTDS
FSGDMLQAWRQEKIETGLIQQFDNKLPGLYLIETDAAGERTFYYWRNDAAARYWLAGPQADALCERLAQFDYLYLSGISL
AILAPADRMKLLALLRRCRANGGKVIFDNNYRPRLWQSREETQQAYREVLACTDIAFLTLDDEELLWGAQPIEQVVARTQ
ALGVGEIVIKRGAHACLVFSMAGEKLEVPAIALPPERIVDTTAAGDSFSAGYLAARLNGGSAQWAAQRGHLLAATVIQHR
GAIIPAAMMPEA
;
_entity_poly.pdbx_strand_id   A,B
#
# COMPACT_ATOMS: atom_id res chain seq x y z
N ALA A 28 17.31 24.34 -10.14
CA ALA A 28 16.93 23.86 -11.45
C ALA A 28 16.12 22.57 -11.36
N VAL A 29 14.97 22.54 -12.02
CA VAL A 29 14.13 21.35 -12.05
C VAL A 29 14.29 20.71 -13.42
N ILE A 30 14.93 19.56 -13.46
CA ILE A 30 15.05 18.79 -14.69
C ILE A 30 13.86 17.84 -14.76
N GLY A 31 13.21 17.79 -15.91
CA GLY A 31 12.03 16.95 -16.02
C GLY A 31 11.28 17.19 -17.30
N GLU A 32 9.97 16.93 -17.24
CA GLU A 32 9.12 17.03 -18.40
C GLU A 32 7.73 17.50 -18.01
N CYS A 33 7.18 18.42 -18.80
CA CYS A 33 5.75 18.70 -18.78
C CYS A 33 5.09 18.18 -20.05
N MET A 34 3.79 17.96 -19.93
CA MET A 34 2.99 17.37 -20.99
C MET A 34 1.73 18.19 -21.15
N ILE A 35 1.14 18.12 -22.34
CA ILE A 35 -0.17 18.71 -22.56
C ILE A 35 -1.21 17.78 -21.95
N GLU A 36 -2.06 18.34 -21.08
CA GLU A 36 -2.99 17.58 -20.26
C GLU A 36 -4.41 17.83 -20.74
N LEU A 37 -5.13 16.76 -21.02
CA LEU A 37 -6.54 16.84 -21.41
C LEU A 37 -7.38 16.18 -20.34
N SER A 38 -8.30 16.94 -19.77
CA SER A 38 -9.20 16.42 -18.74
C SER A 38 -10.59 16.31 -19.33
N GLN A 39 -11.12 15.08 -19.39
CA GLN A 39 -12.43 14.83 -19.98
C GLN A 39 -13.36 14.32 -18.88
N GLN A 40 -14.44 15.06 -18.63
CA GLN A 40 -15.52 14.61 -17.77
C GLN A 40 -16.79 14.58 -18.61
N GLY A 41 -17.40 13.40 -18.71
CA GLY A 41 -18.53 13.23 -19.60
C GLY A 41 -18.11 13.50 -21.02
N ALA A 42 -18.87 14.37 -21.71
CA ALA A 42 -18.51 14.79 -23.05
C ALA A 42 -17.75 16.11 -23.08
N GLN A 43 -17.54 16.75 -21.92
CA GLN A 43 -16.85 18.03 -21.86
C GLN A 43 -15.40 17.82 -21.43
N LEU A 44 -14.46 18.24 -22.26
CA LEU A 44 -13.06 18.07 -21.94
C LEU A 44 -12.33 19.38 -22.21
N THR A 45 -11.30 19.64 -21.41
CA THR A 45 -10.55 20.88 -21.46
C THR A 45 -9.06 20.59 -21.54
N ARG A 46 -8.32 21.61 -21.99
CA ARG A 46 -6.90 21.52 -22.27
C ARG A 46 -6.10 22.32 -21.25
N GLY A 47 -4.90 21.83 -20.97
CA GLY A 47 -4.03 22.43 -19.99
C GLY A 47 -2.66 21.80 -20.07
N PHE A 48 -1.90 21.93 -18.98
CA PHE A 48 -0.57 21.35 -18.90
C PHE A 48 -0.37 20.67 -17.55
N GLY A 49 0.48 19.64 -17.54
CA GLY A 49 0.79 18.97 -16.29
C GLY A 49 2.04 18.13 -16.38
N GLY A 50 2.75 18.03 -15.25
CA GLY A 50 3.87 17.13 -15.09
C GLY A 50 4.33 17.15 -13.65
N ASP A 51 4.97 16.06 -13.19
CA ASP A 51 5.39 16.00 -11.79
C ASP A 51 6.47 17.03 -11.49
N THR A 52 7.51 17.09 -12.32
CA THR A 52 8.58 18.06 -12.10
C THR A 52 8.04 19.48 -12.21
N LEU A 53 7.13 19.73 -13.15
CA LEU A 53 6.50 21.04 -13.22
C LEU A 53 5.66 21.32 -11.99
N ASN A 54 4.92 20.32 -11.48
CA ASN A 54 4.14 20.58 -10.28
C ASN A 54 5.06 21.02 -9.15
N THR A 55 6.18 20.33 -8.97
CA THR A 55 7.13 20.74 -7.93
C THR A 55 7.68 22.13 -8.19
N ALA A 56 8.07 22.42 -9.45
CA ALA A 56 8.67 23.71 -9.75
C ALA A 56 7.68 24.86 -9.53
N VAL A 57 6.44 24.70 -10.01
CA VAL A 57 5.43 25.74 -9.84
C VAL A 57 5.11 25.93 -8.37
N TYR A 58 4.86 24.84 -7.64
CA TYR A 58 4.50 24.98 -6.24
C TYR A 58 5.65 25.57 -5.43
N LEU A 59 6.89 25.20 -5.75
CA LEU A 59 8.05 25.82 -5.10
C LEU A 59 8.09 27.31 -5.37
N ALA A 60 7.93 27.71 -6.64
CA ALA A 60 7.96 29.13 -7.00
C ALA A 60 6.84 29.92 -6.35
N ARG A 61 5.67 29.31 -6.20
CA ARG A 61 4.50 29.98 -5.63
C ARG A 61 4.81 30.52 -4.24
N GLN A 62 5.40 29.67 -3.39
CA GLN A 62 5.67 30.03 -2.00
C GLN A 62 7.07 30.58 -1.78
N MET A 63 7.86 30.77 -2.84
CA MET A 63 9.23 31.23 -2.69
C MET A 63 9.40 32.62 -3.25
N PRO A 64 9.78 33.62 -2.43
CA PRO A 64 10.12 34.95 -2.98
C PRO A 64 11.42 34.98 -3.78
N GLU A 65 12.49 34.48 -3.20
CA GLU A 65 13.84 34.59 -3.74
C GLU A 65 14.78 33.79 -2.83
N GLN A 66 15.96 33.46 -3.36
CA GLN A 66 16.94 32.65 -2.63
C GLN A 66 18.28 32.78 -3.39
N ALA A 67 19.23 31.91 -3.04
CA ALA A 67 20.55 31.95 -3.66
C ALA A 67 20.46 31.80 -5.17
N LEU A 68 19.63 30.87 -5.64
CA LEU A 68 19.41 30.68 -7.06
C LEU A 68 17.92 30.45 -7.28
N ARG A 69 17.37 31.11 -8.30
CA ARG A 69 15.94 31.01 -8.56
C ARG A 69 15.60 30.45 -9.93
N VAL A 70 16.55 29.82 -10.61
CA VAL A 70 16.26 29.25 -11.92
C VAL A 70 15.50 27.94 -11.71
N HIS A 71 14.47 27.71 -12.52
CA HIS A 71 13.53 26.64 -12.20
C HIS A 71 13.51 25.50 -13.20
N TYR A 72 13.25 25.72 -14.49
CA TYR A 72 12.94 24.57 -15.34
C TYR A 72 13.92 24.36 -16.47
N VAL A 73 14.31 23.08 -16.68
CA VAL A 73 15.32 22.66 -17.65
C VAL A 73 14.73 21.69 -18.68
N THR A 74 13.48 21.89 -19.12
CA THR A 74 12.91 20.94 -20.08
C THR A 74 13.26 21.34 -21.51
N ALA A 75 12.72 20.58 -22.45
CA ALA A 75 12.73 20.92 -23.86
C ALA A 75 11.32 20.82 -24.40
N LEU A 76 10.94 21.79 -25.23
CA LEU A 76 9.60 21.86 -25.80
C LEU A 76 9.72 22.08 -27.29
N GLY A 77 8.58 22.04 -27.98
CA GLY A 77 8.56 22.32 -29.40
C GLY A 77 8.48 23.81 -29.65
N THR A 78 8.52 24.16 -30.94
CA THR A 78 8.33 25.54 -31.38
C THR A 78 6.87 25.88 -31.58
N ASP A 79 5.97 24.94 -31.31
CA ASP A 79 4.56 25.06 -31.63
C ASP A 79 3.87 26.07 -30.69
N SER A 80 2.58 26.27 -30.94
CA SER A 80 1.79 27.20 -30.13
C SER A 80 1.61 26.70 -28.70
N PHE A 81 1.40 25.39 -28.53
CA PHE A 81 1.13 24.85 -27.19
C PHE A 81 2.32 25.07 -26.27
N SER A 82 3.54 24.86 -26.79
CA SER A 82 4.73 25.11 -25.99
C SER A 82 4.81 26.58 -25.57
N GLY A 83 4.49 27.51 -26.48
CA GLY A 83 4.50 28.91 -26.12
C GLY A 83 3.46 29.25 -25.06
N ASP A 84 2.28 28.65 -25.16
CA ASP A 84 1.27 28.87 -24.14
C ASP A 84 1.77 28.39 -22.79
N MET A 85 2.38 27.20 -22.75
CA MET A 85 2.97 26.69 -21.52
C MET A 85 4.02 27.65 -20.99
N LEU A 86 4.91 28.12 -21.86
CA LEU A 86 5.99 28.99 -21.43
C LEU A 86 5.47 30.29 -20.85
N GLN A 87 4.45 30.88 -21.48
CA GLN A 87 3.86 32.10 -20.93
C GLN A 87 3.24 31.85 -19.57
N ALA A 88 2.53 30.72 -19.42
CA ALA A 88 1.95 30.41 -18.11
C ALA A 88 3.06 30.23 -17.06
N TRP A 89 4.16 29.58 -17.43
CA TRP A 89 5.24 29.34 -16.49
C TRP A 89 5.93 30.63 -16.09
N ARG A 90 6.13 31.54 -17.04
CA ARG A 90 6.67 32.86 -16.72
C ARG A 90 5.75 33.62 -15.78
N GLN A 91 4.43 33.51 -16.00
CA GLN A 91 3.50 34.13 -15.07
C GLN A 91 3.59 33.51 -13.67
N GLU A 92 4.07 32.27 -13.59
CA GLU A 92 4.34 31.62 -12.30
C GLU A 92 5.76 31.88 -11.81
N LYS A 93 6.44 32.88 -12.37
CA LYS A 93 7.78 33.28 -11.94
C LYS A 93 8.80 32.15 -12.17
N ILE A 94 8.68 31.48 -13.30
CA ILE A 94 9.60 30.42 -13.72
C ILE A 94 10.37 30.92 -14.95
N GLU A 95 11.69 30.92 -14.86
CA GLU A 95 12.52 31.30 -15.99
C GLU A 95 12.49 30.23 -17.07
N THR A 96 12.47 30.65 -18.33
CA THR A 96 12.47 29.75 -19.47
C THR A 96 13.80 29.79 -20.23
N GLY A 97 14.86 30.26 -19.59
CA GLY A 97 16.12 30.49 -20.29
C GLY A 97 16.71 29.24 -20.91
N LEU A 98 16.57 28.10 -20.23
CA LEU A 98 17.23 26.87 -20.65
C LEU A 98 16.30 25.93 -21.43
N ILE A 99 15.08 26.37 -21.72
CA ILE A 99 14.13 25.54 -22.45
C ILE A 99 14.48 25.58 -23.93
N GLN A 100 15.07 24.51 -24.44
CA GLN A 100 15.35 24.43 -25.87
C GLN A 100 14.07 24.14 -26.62
N GLN A 101 14.03 24.59 -27.88
CA GLN A 101 12.86 24.42 -28.73
C GLN A 101 13.26 23.69 -30.00
N PHE A 102 12.54 22.61 -30.30
CA PHE A 102 12.79 21.78 -31.47
C PHE A 102 11.63 21.94 -32.44
N ASP A 103 11.94 22.33 -33.69
CA ASP A 103 10.90 22.50 -34.68
C ASP A 103 10.25 21.16 -35.03
N ASN A 104 11.08 20.14 -35.29
CA ASN A 104 10.53 18.84 -35.67
C ASN A 104 9.83 18.15 -34.50
N LYS A 105 10.32 18.33 -33.28
CA LYS A 105 9.70 17.70 -32.13
C LYS A 105 8.49 18.50 -31.66
N LEU A 106 7.62 17.82 -30.92
CA LEU A 106 6.39 18.39 -30.39
C LEU A 106 6.18 17.83 -28.98
N PRO A 107 5.50 18.56 -28.10
CA PRO A 107 5.40 18.11 -26.70
C PRO A 107 4.56 16.85 -26.53
N GLY A 108 4.83 16.16 -25.42
CA GLY A 108 4.04 15.00 -25.06
C GLY A 108 2.64 15.37 -24.60
N LEU A 109 1.71 14.43 -24.74
CA LEU A 109 0.30 14.66 -24.48
C LEU A 109 -0.29 13.52 -23.66
N TYR A 110 -1.07 13.84 -22.64
CA TYR A 110 -1.75 12.81 -21.87
C TYR A 110 -3.19 13.24 -21.60
N LEU A 111 -4.04 12.24 -21.33
CA LEU A 111 -5.46 12.45 -21.09
C LEU A 111 -5.88 11.81 -19.77
N ILE A 112 -6.72 12.53 -19.02
CA ILE A 112 -7.29 12.05 -17.77
C ILE A 112 -8.77 11.84 -17.99
N GLU A 113 -9.27 10.66 -17.60
CA GLU A 113 -10.68 10.33 -17.72
C GLU A 113 -11.25 10.03 -16.34
N THR A 114 -12.46 10.53 -16.08
CA THR A 114 -13.12 10.31 -14.80
C THR A 114 -14.43 9.57 -15.05
N ASP A 115 -14.57 8.40 -14.42
CA ASP A 115 -15.76 7.58 -14.55
C ASP A 115 -16.89 8.17 -13.69
N ALA A 116 -18.07 7.55 -13.79
CA ALA A 116 -19.21 7.97 -12.98
C ALA A 116 -18.88 7.96 -11.48
N ALA A 117 -18.11 6.96 -11.04
CA ALA A 117 -17.72 6.91 -9.63
C ALA A 117 -16.70 7.99 -9.25
N GLY A 118 -15.98 8.54 -10.22
CA GLY A 118 -14.97 9.53 -9.95
C GLY A 118 -13.54 9.02 -10.05
N GLU A 119 -13.36 7.75 -10.37
CA GLU A 119 -12.03 7.18 -10.54
C GLU A 119 -11.32 7.82 -11.73
N ARG A 120 -10.01 8.00 -11.60
CA ARG A 120 -9.20 8.68 -12.61
C ARG A 120 -8.35 7.66 -13.36
N THR A 121 -8.42 7.69 -14.69
CA THR A 121 -7.64 6.83 -15.56
C THR A 121 -6.76 7.72 -16.44
N PHE A 122 -5.49 7.38 -16.56
CA PHE A 122 -4.52 8.22 -17.27
C PHE A 122 -4.01 7.49 -18.50
N TYR A 123 -3.96 8.21 -19.63
CA TYR A 123 -3.41 7.69 -20.88
C TYR A 123 -2.29 8.63 -21.32
N TYR A 124 -1.17 8.07 -21.78
CA TYR A 124 0.00 8.87 -22.11
C TYR A 124 0.46 8.63 -23.55
N TRP A 125 0.95 9.70 -24.17
CA TRP A 125 1.58 9.70 -25.49
C TRP A 125 2.82 10.58 -25.32
N ARG A 126 3.93 9.98 -24.90
CA ARG A 126 5.16 10.75 -24.70
C ARG A 126 6.42 10.02 -25.15
N ASN A 127 6.30 9.04 -26.06
CA ASN A 127 7.46 8.25 -26.46
C ASN A 127 8.47 9.10 -27.21
N ASP A 128 8.02 10.08 -27.99
CA ASP A 128 8.90 10.94 -28.77
C ASP A 128 8.72 12.39 -28.36
N ALA A 129 8.44 12.63 -27.08
CA ALA A 129 8.24 13.99 -26.59
C ALA A 129 9.53 14.80 -26.71
N ALA A 130 9.38 16.12 -26.83
CA ALA A 130 10.54 16.99 -26.96
C ALA A 130 11.44 16.93 -25.74
N ALA A 131 10.84 16.85 -24.54
CA ALA A 131 11.62 16.85 -23.31
C ALA A 131 12.60 15.68 -23.26
N ARG A 132 12.29 14.58 -23.95
CA ARG A 132 13.19 13.44 -23.96
C ARG A 132 14.53 13.78 -24.61
N TYR A 133 14.54 14.71 -25.56
CA TYR A 133 15.75 15.04 -26.32
C TYR A 133 16.43 16.30 -25.81
N TRP A 134 16.10 16.75 -24.59
CA TRP A 134 16.69 17.98 -24.06
C TRP A 134 18.20 17.86 -23.92
N LEU A 135 18.70 16.67 -23.57
CA LEU A 135 20.14 16.46 -23.52
C LEU A 135 20.73 16.08 -24.87
N ALA A 136 19.89 15.85 -25.89
CA ALA A 136 20.35 15.58 -27.24
C ALA A 136 20.58 16.85 -28.06
N GLY A 137 20.19 18.02 -27.55
CA GLY A 137 20.31 19.23 -28.30
C GLY A 137 21.75 19.64 -28.55
N PRO A 138 21.97 20.39 -29.64
CA PRO A 138 23.34 20.87 -29.92
C PRO A 138 23.92 21.77 -28.84
N GLN A 139 23.08 22.60 -28.24
CA GLN A 139 23.48 23.57 -27.23
C GLN A 139 23.68 22.95 -25.85
N ALA A 140 23.38 21.66 -25.71
CA ALA A 140 23.33 21.01 -24.39
C ALA A 140 24.60 21.27 -23.59
N ASP A 141 25.77 21.08 -24.22
CA ASP A 141 27.03 21.28 -23.52
C ASP A 141 27.06 22.63 -22.82
N ALA A 142 26.69 23.70 -23.54
CA ALA A 142 26.66 25.02 -22.93
C ALA A 142 25.80 25.01 -21.68
N LEU A 143 24.55 24.54 -21.81
CA LEU A 143 23.67 24.50 -20.65
C LEU A 143 24.29 23.66 -19.55
N CYS A 144 24.93 22.55 -19.91
CA CYS A 144 25.57 21.72 -18.91
C CYS A 144 26.53 22.55 -18.06
N GLU A 145 27.42 23.30 -18.72
CA GLU A 145 28.35 24.13 -17.96
C GLU A 145 27.59 25.11 -17.10
N ARG A 146 26.58 25.77 -17.67
CA ARG A 146 25.77 26.68 -16.88
C ARG A 146 25.15 25.94 -15.71
N LEU A 147 24.57 24.77 -16.00
CA LEU A 147 23.94 23.99 -14.96
C LEU A 147 24.98 23.42 -14.01
N ALA A 148 26.22 23.27 -14.47
CA ALA A 148 27.28 22.81 -13.60
C ALA A 148 27.48 23.75 -12.43
N GLN A 149 27.26 25.06 -12.63
CA GLN A 149 27.46 26.03 -11.57
C GLN A 149 26.20 26.32 -10.77
N PHE A 150 25.10 25.63 -11.07
CA PHE A 150 23.83 25.87 -10.39
C PHE A 150 23.91 25.49 -8.92
N ASP A 151 23.11 26.18 -8.11
CA ASP A 151 23.12 25.92 -6.66
C ASP A 151 22.41 24.62 -6.32
N TYR A 152 21.16 24.47 -6.76
CA TYR A 152 20.33 23.33 -6.40
C TYR A 152 19.55 22.83 -7.59
N LEU A 153 19.52 21.51 -7.77
CA LEU A 153 18.83 20.85 -8.87
C LEU A 153 17.90 19.77 -8.36
N TYR A 154 16.70 19.69 -8.95
CA TYR A 154 15.67 18.74 -8.55
C TYR A 154 15.25 17.94 -9.76
N LEU A 155 15.17 16.62 -9.60
CA LEU A 155 14.73 15.73 -10.67
C LEU A 155 13.94 14.58 -10.06
N SER A 156 13.14 13.93 -10.90
CA SER A 156 12.33 12.81 -10.48
C SER A 156 12.72 11.56 -11.26
N GLY A 157 12.23 10.41 -10.78
CA GLY A 157 12.48 9.18 -11.49
C GLY A 157 11.93 9.20 -12.91
N ILE A 158 10.84 9.94 -13.12
CA ILE A 158 10.30 10.13 -14.46
C ILE A 158 11.32 10.84 -15.35
N SER A 159 11.97 11.87 -14.83
CA SER A 159 12.95 12.62 -15.60
C SER A 159 14.08 11.71 -16.08
N LEU A 160 14.60 10.86 -15.20
CA LEU A 160 15.60 9.89 -15.60
C LEU A 160 15.03 8.89 -16.59
N ALA A 161 13.78 8.47 -16.37
CA ALA A 161 13.18 7.41 -17.17
C ALA A 161 13.04 7.81 -18.63
N ILE A 162 12.56 9.04 -18.88
CA ILE A 162 12.31 9.44 -20.26
C ILE A 162 13.61 9.51 -21.06
N LEU A 163 14.71 9.92 -20.41
CA LEU A 163 15.99 10.00 -21.10
C LEU A 163 16.46 8.61 -21.55
N ALA A 164 17.05 8.57 -22.74
CA ALA A 164 17.66 7.36 -23.25
C ALA A 164 18.96 7.08 -22.49
N PRO A 165 19.45 5.82 -22.52
CA PRO A 165 20.60 5.49 -21.67
C PRO A 165 21.84 6.36 -21.89
N ALA A 166 22.17 6.69 -23.13
CA ALA A 166 23.29 7.58 -23.37
C ALA A 166 23.03 8.96 -22.77
N ASP A 167 21.82 9.49 -23.00
CA ASP A 167 21.45 10.77 -22.41
C ASP A 167 21.45 10.68 -20.89
N ARG A 168 21.05 9.52 -20.35
CA ARG A 168 21.08 9.30 -18.92
C ARG A 168 22.50 9.41 -18.37
N MET A 169 23.46 8.80 -19.07
CA MET A 169 24.86 8.93 -18.67
C MET A 169 25.32 10.38 -18.71
N LYS A 170 24.94 11.12 -19.76
CA LYS A 170 25.28 12.54 -19.81
C LYS A 170 24.74 13.29 -18.60
N LEU A 171 23.48 13.03 -18.24
CA LEU A 171 22.87 13.71 -17.10
C LEU A 171 23.59 13.36 -15.80
N LEU A 172 23.95 12.08 -15.63
CA LEU A 172 24.67 11.68 -14.43
C LEU A 172 26.02 12.38 -14.34
N ALA A 173 26.72 12.50 -15.46
CA ALA A 173 28.00 13.22 -15.47
C ALA A 173 27.81 14.69 -15.09
N LEU A 174 26.76 15.32 -15.62
CA LEU A 174 26.49 16.71 -15.26
C LEU A 174 26.20 16.83 -13.77
N LEU A 175 25.45 15.88 -13.20
CA LEU A 175 25.17 15.90 -11.77
C LEU A 175 26.46 15.79 -10.96
N ARG A 176 27.37 14.90 -11.39
CA ARG A 176 28.64 14.76 -10.68
C ARG A 176 29.47 16.04 -10.75
N ARG A 177 29.49 16.69 -11.91
CA ARG A 177 30.21 17.95 -12.03
C ARG A 177 29.59 19.02 -11.13
N CYS A 178 28.25 19.04 -11.05
CA CYS A 178 27.57 19.97 -10.16
C CYS A 178 27.96 19.72 -8.72
N ARG A 179 28.08 18.46 -8.32
CA ARG A 179 28.63 18.16 -7.00
C ARG A 179 30.02 18.75 -6.85
N ALA A 180 30.85 18.61 -7.89
CA ALA A 180 32.21 19.10 -7.82
C ALA A 180 32.27 20.61 -7.62
N ASN A 181 31.30 21.35 -8.17
CA ASN A 181 31.26 22.79 -7.99
C ASN A 181 30.44 23.23 -6.76
N GLY A 182 30.13 22.31 -5.85
CA GLY A 182 29.45 22.67 -4.63
C GLY A 182 27.95 22.56 -4.67
N GLY A 183 27.38 22.13 -5.78
CA GLY A 183 25.93 22.05 -5.89
C GLY A 183 25.36 20.88 -5.11
N LYS A 184 24.07 21.02 -4.77
CA LYS A 184 23.34 20.01 -4.02
C LYS A 184 22.23 19.44 -4.92
N VAL A 185 22.16 18.12 -5.01
CA VAL A 185 21.24 17.43 -5.90
C VAL A 185 20.04 16.95 -5.11
N ILE A 186 18.84 17.20 -5.64
CA ILE A 186 17.59 16.75 -5.03
C ILE A 186 16.92 15.79 -6.01
N PHE A 187 16.52 14.62 -5.51
CA PHE A 187 15.94 13.58 -6.35
C PHE A 187 14.64 13.08 -5.71
N ASP A 188 13.59 13.00 -6.51
CA ASP A 188 12.32 12.43 -6.09
C ASP A 188 12.13 11.10 -6.82
N ASN A 189 11.71 10.07 -6.09
CA ASN A 189 11.62 8.73 -6.66
C ASN A 189 10.24 8.43 -7.26
N ASN A 190 9.69 9.32 -8.08
CA ASN A 190 8.42 9.00 -8.69
C ASN A 190 8.63 7.84 -9.65
N TYR A 191 8.02 6.70 -9.33
CA TYR A 191 8.25 5.46 -10.06
C TYR A 191 6.99 5.10 -10.83
N ARG A 192 7.09 5.15 -12.15
CA ARG A 192 6.03 4.70 -13.04
C ARG A 192 6.62 3.62 -13.94
N PRO A 193 6.26 2.36 -13.75
CA PRO A 193 6.97 1.27 -14.44
C PRO A 193 6.92 1.37 -15.96
N ARG A 194 5.89 2.01 -16.50
CA ARG A 194 5.70 2.05 -17.95
C ARG A 194 6.90 2.66 -18.65
N LEU A 195 7.46 3.74 -18.09
CA LEU A 195 8.55 4.45 -18.73
C LEU A 195 9.83 3.63 -18.77
N TRP A 196 10.02 2.71 -17.82
CA TRP A 196 11.22 1.90 -17.75
C TRP A 196 11.08 0.61 -18.54
N GLN A 197 12.19 0.20 -19.18
CA GLN A 197 12.19 -1.04 -19.94
C GLN A 197 11.95 -2.24 -19.03
N SER A 198 12.58 -2.24 -17.85
CA SER A 198 12.45 -3.34 -16.91
C SER A 198 12.60 -2.82 -15.50
N ARG A 199 12.19 -3.66 -14.54
CA ARG A 199 12.40 -3.35 -13.14
C ARG A 199 13.89 -3.23 -12.82
N GLU A 200 14.70 -4.14 -13.37
CA GLU A 200 16.13 -4.15 -13.12
C GLU A 200 16.82 -2.91 -13.70
N GLU A 201 16.41 -2.49 -14.90
CA GLU A 201 16.94 -1.26 -15.46
C GLU A 201 16.63 -0.08 -14.54
N THR A 202 15.41 -0.03 -14.01
CA THR A 202 15.04 1.01 -13.06
C THR A 202 15.95 0.96 -11.84
N GLN A 203 16.20 -0.25 -11.34
CA GLN A 203 17.03 -0.39 -10.15
C GLN A 203 18.43 0.14 -10.40
N GLN A 204 19.02 -0.22 -11.55
CA GLN A 204 20.36 0.25 -11.88
C GLN A 204 20.40 1.77 -12.02
N ALA A 205 19.43 2.34 -12.74
CA ALA A 205 19.42 3.79 -12.92
C ALA A 205 19.18 4.52 -11.61
N TYR A 206 18.28 4.00 -10.77
CA TYR A 206 18.00 4.61 -9.47
C TYR A 206 19.24 4.58 -8.58
N ARG A 207 19.94 3.44 -8.57
CA ARG A 207 21.19 3.37 -7.81
C ARG A 207 22.19 4.38 -8.35
N GLU A 208 22.26 4.51 -9.68
CA GLU A 208 23.21 5.42 -10.30
C GLU A 208 22.97 6.86 -9.86
N VAL A 209 21.71 7.32 -10.00
CA VAL A 209 21.40 8.70 -9.66
C VAL A 209 21.53 8.92 -8.16
N LEU A 210 21.10 7.95 -7.35
CA LEU A 210 21.24 8.10 -5.91
C LEU A 210 22.69 8.14 -5.49
N ALA A 211 23.56 7.46 -6.23
CA ALA A 211 24.99 7.61 -6.04
C ALA A 211 25.41 9.05 -6.29
N CYS A 212 24.84 9.69 -7.31
CA CYS A 212 25.13 11.10 -7.54
C CYS A 212 24.20 12.04 -6.77
N THR A 213 23.32 11.51 -5.92
CA THR A 213 22.31 12.29 -5.21
C THR A 213 22.78 12.66 -3.81
N ASP A 214 22.41 13.86 -3.36
CA ASP A 214 22.66 14.35 -2.01
C ASP A 214 21.43 14.39 -1.13
N ILE A 215 20.26 14.76 -1.66
CA ILE A 215 18.99 14.74 -0.94
C ILE A 215 17.97 13.96 -1.77
N ALA A 216 17.28 13.01 -1.16
CA ALA A 216 16.34 12.15 -1.84
C ALA A 216 14.96 12.23 -1.18
N PHE A 217 13.94 12.51 -1.98
CA PHE A 217 12.55 12.41 -1.55
C PHE A 217 12.04 11.04 -1.98
N LEU A 218 11.66 10.21 -1.02
CA LEU A 218 11.25 8.85 -1.29
C LEU A 218 9.81 8.63 -0.83
N THR A 219 8.91 8.42 -1.79
CA THR A 219 7.55 7.99 -1.48
C THR A 219 7.59 6.50 -1.16
N LEU A 220 6.98 6.12 -0.02
CA LEU A 220 7.09 4.75 0.44
C LEU A 220 6.48 3.77 -0.54
N ASP A 221 5.33 4.12 -1.13
CA ASP A 221 4.68 3.21 -2.08
C ASP A 221 5.57 2.95 -3.28
N ASP A 222 6.15 4.01 -3.86
CA ASP A 222 7.03 3.83 -5.01
C ASP A 222 8.28 3.03 -4.64
N GLU A 223 8.86 3.33 -3.47
CA GLU A 223 10.05 2.61 -3.03
C GLU A 223 9.78 1.13 -2.89
N GLU A 224 8.68 0.77 -2.21
CA GLU A 224 8.33 -0.63 -2.02
C GLU A 224 7.98 -1.30 -3.33
N LEU A 225 7.29 -0.59 -4.22
CA LEU A 225 6.97 -1.15 -5.53
C LEU A 225 8.25 -1.47 -6.30
N LEU A 226 9.23 -0.58 -6.26
CA LEU A 226 10.46 -0.78 -7.02
C LEU A 226 11.31 -1.89 -6.44
N TRP A 227 11.55 -1.86 -5.12
CA TRP A 227 12.51 -2.78 -4.50
C TRP A 227 11.85 -3.94 -3.76
N GLY A 228 10.54 -3.91 -3.58
CA GLY A 228 9.88 -4.87 -2.71
C GLY A 228 9.71 -4.32 -1.30
N ALA A 229 8.70 -4.84 -0.61
CA ALA A 229 8.44 -4.41 0.76
C ALA A 229 9.62 -4.75 1.66
N GLN A 230 10.04 -3.77 2.46
CA GLN A 230 11.17 -3.91 3.35
C GLN A 230 10.92 -3.02 4.56
N PRO A 231 11.55 -3.33 5.70
CA PRO A 231 11.43 -2.42 6.84
C PRO A 231 12.11 -1.09 6.52
N ILE A 232 11.65 -0.05 7.20
CA ILE A 232 12.16 1.30 6.96
C ILE A 232 13.67 1.36 7.12
N GLU A 233 14.22 0.48 7.97
CA GLU A 233 15.65 0.55 8.28
C GLU A 233 16.47 0.03 7.10
N GLN A 234 16.03 -1.05 6.48
CA GLN A 234 16.77 -1.56 5.32
C GLN A 234 16.69 -0.58 4.15
N VAL A 235 15.56 0.12 4.00
CA VAL A 235 15.44 1.16 2.98
C VAL A 235 16.45 2.27 3.22
N VAL A 236 16.50 2.77 4.47
CA VAL A 236 17.43 3.84 4.79
C VAL A 236 18.87 3.38 4.59
N ALA A 237 19.18 2.15 5.00
CA ALA A 237 20.51 1.62 4.81
C ALA A 237 20.87 1.53 3.33
N ARG A 238 19.95 1.02 2.51
CA ARG A 238 20.22 0.87 1.08
C ARG A 238 20.48 2.22 0.44
N THR A 239 19.65 3.22 0.76
CA THR A 239 19.84 4.53 0.14
C THR A 239 21.10 5.22 0.64
N GLN A 240 21.37 5.16 1.95
CA GLN A 240 22.55 5.81 2.51
C GLN A 240 23.86 5.17 2.06
N ALA A 241 23.87 3.84 1.86
CA ALA A 241 25.08 3.20 1.38
C ALA A 241 25.52 3.75 0.04
N LEU A 242 24.57 4.23 -0.76
CA LEU A 242 24.91 4.93 -2.00
C LEU A 242 25.61 6.26 -1.71
N GLY A 243 25.25 6.92 -0.61
CA GLY A 243 25.92 8.15 -0.24
C GLY A 243 25.01 9.34 -0.01
N VAL A 244 23.70 9.10 0.10
CA VAL A 244 22.74 10.18 0.27
C VAL A 244 22.82 10.74 1.69
N GLY A 245 22.85 12.06 1.80
CA GLY A 245 22.91 12.73 3.10
C GLY A 245 21.59 12.85 3.82
N GLU A 246 20.59 13.47 3.20
CA GLU A 246 19.29 13.68 3.81
C GLU A 246 18.24 12.86 3.08
N ILE A 247 17.44 12.10 3.83
CA ILE A 247 16.44 11.19 3.28
C ILE A 247 15.06 11.61 3.80
N VAL A 248 14.14 11.89 2.89
CA VAL A 248 12.77 12.22 3.25
C VAL A 248 11.87 11.12 2.72
N ILE A 249 11.08 10.52 3.61
CA ILE A 249 10.16 9.45 3.26
C ILE A 249 8.74 9.97 3.43
N LYS A 250 7.98 9.95 2.34
CA LYS A 250 6.60 10.41 2.30
C LYS A 250 5.69 9.21 2.45
N ARG A 251 4.70 9.32 3.34
CA ARG A 251 3.79 8.22 3.62
C ARG A 251 2.33 8.64 3.45
N GLY A 252 2.08 9.71 2.70
CA GLY A 252 0.72 10.11 2.36
C GLY A 252 -0.06 10.64 3.55
N ALA A 253 -1.10 9.89 3.95
CA ALA A 253 -1.89 10.23 5.12
C ALA A 253 -1.21 9.82 6.41
N HIS A 254 -0.16 9.01 6.34
CA HIS A 254 0.57 8.56 7.51
C HIS A 254 1.74 9.49 7.79
N ALA A 255 2.30 9.35 8.99
CA ALA A 255 3.37 10.23 9.44
C ALA A 255 4.58 10.13 8.51
N CYS A 256 5.10 11.30 8.11
CA CYS A 256 6.32 11.40 7.32
C CYS A 256 7.54 11.08 8.17
N LEU A 257 8.62 10.68 7.50
CA LEU A 257 9.84 10.26 8.20
C LEU A 257 11.04 10.97 7.60
N VAL A 258 11.72 11.77 8.41
CA VAL A 258 12.87 12.55 7.94
C VAL A 258 14.13 12.07 8.66
N PHE A 259 15.16 11.81 7.88
CA PHE A 259 16.49 11.50 8.38
C PHE A 259 17.36 12.64 7.86
N SER A 260 18.03 13.34 8.77
CA SER A 260 18.57 14.64 8.43
C SER A 260 20.00 14.56 7.89
N MET A 261 20.46 15.72 7.42
CA MET A 261 21.86 15.91 7.08
C MET A 261 22.74 15.64 8.29
N ALA A 262 22.34 16.17 9.45
CA ALA A 262 23.10 15.93 10.67
C ALA A 262 22.99 14.48 11.13
N GLY A 263 21.78 13.92 11.12
CA GLY A 263 21.56 12.60 11.67
C GLY A 263 20.28 12.52 12.47
N GLU A 264 19.52 13.61 12.48
CA GLU A 264 18.25 13.64 13.19
C GLU A 264 17.27 12.65 12.55
N LYS A 265 16.43 12.02 13.38
CA LYS A 265 15.43 11.07 12.89
C LYS A 265 14.12 11.52 13.51
N LEU A 266 13.19 12.01 12.68
CA LEU A 266 11.94 12.51 13.21
C LEU A 266 10.77 11.99 12.39
N GLU A 267 9.62 11.87 13.05
CA GLU A 267 8.36 11.44 12.45
C GLU A 267 7.37 12.59 12.61
N VAL A 268 6.96 13.17 11.48
CA VAL A 268 6.12 14.35 11.46
C VAL A 268 4.75 13.96 10.89
N PRO A 269 3.68 14.01 11.67
CA PRO A 269 2.38 13.57 11.17
C PRO A 269 1.82 14.51 10.10
N ALA A 270 1.07 13.91 9.17
CA ALA A 270 0.28 14.68 8.23
C ALA A 270 -0.98 15.19 8.90
N ILE A 271 -1.49 16.31 8.41
CA ILE A 271 -2.71 16.88 8.98
C ILE A 271 -3.90 16.00 8.62
N ALA A 272 -4.68 15.63 9.63
CA ALA A 272 -5.83 14.77 9.41
C ALA A 272 -6.90 15.53 8.64
N LEU A 273 -7.57 14.84 7.72
CA LEU A 273 -8.58 15.44 6.89
C LEU A 273 -9.79 14.53 6.90
N PRO A 274 -11.00 15.05 7.18
CA PRO A 274 -12.18 14.20 7.17
C PRO A 274 -12.45 13.68 5.76
N PRO A 275 -13.10 12.51 5.66
CA PRO A 275 -13.36 11.93 4.32
C PRO A 275 -14.20 12.82 3.43
N GLU A 276 -15.06 13.67 4.01
CA GLU A 276 -15.95 14.50 3.23
C GLU A 276 -15.18 15.45 2.31
N ARG A 277 -14.09 16.03 2.80
CA ARG A 277 -13.33 17.04 2.08
C ARG A 277 -12.29 16.49 1.10
N ILE A 278 -12.09 15.17 1.04
CA ILE A 278 -11.07 14.61 0.15
C ILE A 278 -11.59 14.65 -1.28
N VAL A 279 -10.87 15.38 -2.15
CA VAL A 279 -11.27 15.56 -3.54
C VAL A 279 -10.09 15.14 -4.44
N ASP A 280 -10.37 15.03 -5.73
CA ASP A 280 -9.41 14.57 -6.73
C ASP A 280 -8.14 15.43 -6.73
N THR A 281 -6.99 14.80 -6.50
CA THR A 281 -5.74 15.56 -6.51
C THR A 281 -4.56 14.67 -6.90
N THR A 282 -4.07 14.88 -8.12
CA THR A 282 -2.96 14.16 -8.71
C THR A 282 -1.59 14.81 -8.45
N ALA A 283 -1.52 15.87 -7.64
CA ALA A 283 -0.27 16.59 -7.40
C ALA A 283 0.16 16.60 -5.94
N ALA A 284 -0.52 15.87 -5.05
CA ALA A 284 -0.23 15.91 -3.62
C ALA A 284 1.25 15.67 -3.30
N GLY A 285 1.82 14.56 -3.75
CA GLY A 285 3.21 14.27 -3.42
C GLY A 285 4.19 15.29 -3.96
N ASP A 286 3.98 15.73 -5.21
CA ASP A 286 4.82 16.77 -5.78
C ASP A 286 4.69 18.06 -4.97
N SER A 287 3.47 18.40 -4.57
CA SER A 287 3.25 19.58 -3.75
C SER A 287 3.95 19.47 -2.40
N PHE A 288 3.96 18.27 -1.80
CA PHE A 288 4.70 18.09 -0.56
C PHE A 288 6.19 18.28 -0.78
N SER A 289 6.73 17.73 -1.87
CA SER A 289 8.14 17.93 -2.18
C SER A 289 8.45 19.42 -2.29
N ALA A 290 7.57 20.17 -2.95
CA ALA A 290 7.81 21.61 -3.10
C ALA A 290 7.67 22.35 -1.76
N GLY A 291 6.59 22.07 -1.03
CA GLY A 291 6.31 22.79 0.20
C GLY A 291 7.33 22.53 1.29
N TYR A 292 7.73 21.27 1.48
CA TYR A 292 8.82 20.98 2.40
C TYR A 292 10.08 21.70 1.96
N LEU A 293 10.38 21.65 0.66
CA LEU A 293 11.60 22.26 0.15
C LEU A 293 11.53 23.78 0.23
N ALA A 294 10.35 24.36 0.03
CA ALA A 294 10.21 25.81 0.10
C ALA A 294 10.54 26.32 1.50
N ALA A 295 10.02 25.65 2.53
CA ALA A 295 10.36 26.02 3.89
C ALA A 295 11.80 25.64 4.23
N ARG A 296 12.24 24.47 3.79
CA ARG A 296 13.57 23.99 4.16
C ARG A 296 14.66 24.88 3.57
N LEU A 297 14.46 25.35 2.34
CA LEU A 297 15.46 26.20 1.71
C LEU A 297 15.31 27.67 2.11
N ASN A 298 14.31 28.00 2.93
CA ASN A 298 14.11 29.35 3.43
C ASN A 298 14.50 29.45 4.91
N GLY A 299 15.42 28.59 5.35
CA GLY A 299 15.90 28.61 6.72
C GLY A 299 15.02 27.90 7.74
N GLY A 300 13.92 27.28 7.31
CA GLY A 300 13.07 26.58 8.24
C GLY A 300 13.67 25.26 8.68
N SER A 301 13.20 24.76 9.82
CA SER A 301 13.67 23.50 10.34
C SER A 301 13.04 22.34 9.57
N ALA A 302 13.63 21.15 9.72
CA ALA A 302 13.12 19.97 9.04
C ALA A 302 11.70 19.63 9.48
N GLN A 303 11.46 19.69 10.79
CA GLN A 303 10.10 19.46 11.31
C GLN A 303 9.14 20.48 10.73
N TRP A 304 9.54 21.76 10.76
CA TRP A 304 8.69 22.82 10.23
C TRP A 304 8.48 22.67 8.73
N ALA A 305 9.53 22.29 8.00
CA ALA A 305 9.38 22.10 6.56
C ALA A 305 8.41 20.96 6.26
N ALA A 306 8.49 19.88 7.03
CA ALA A 306 7.53 18.79 6.85
C ALA A 306 6.11 19.27 7.14
N GLN A 307 5.94 20.09 8.17
CA GLN A 307 4.62 20.65 8.47
C GLN A 307 4.10 21.48 7.31
N ARG A 308 4.97 22.33 6.74
CA ARG A 308 4.60 23.17 5.61
C ARG A 308 4.14 22.32 4.43
N GLY A 309 4.91 21.27 4.14
CA GLY A 309 4.55 20.36 3.07
C GLY A 309 3.23 19.68 3.32
N HIS A 310 2.98 19.26 4.57
CA HIS A 310 1.71 18.60 4.89
C HIS A 310 0.53 19.53 4.66
N LEU A 311 0.63 20.79 5.10
CA LEU A 311 -0.48 21.72 4.86
C LEU A 311 -0.69 21.95 3.37
N LEU A 312 0.40 22.15 2.63
CA LEU A 312 0.27 22.38 1.20
C LEU A 312 -0.38 21.18 0.53
N ALA A 313 0.04 19.97 0.90
CA ALA A 313 -0.53 18.77 0.31
C ALA A 313 -2.00 18.64 0.63
N ALA A 314 -2.40 18.92 1.88
CA ALA A 314 -3.82 18.82 2.24
C ALA A 314 -4.66 19.80 1.44
N THR A 315 -4.21 21.06 1.37
CA THR A 315 -4.95 22.05 0.60
C THR A 315 -5.06 21.63 -0.86
N VAL A 316 -3.98 21.09 -1.41
CA VAL A 316 -4.00 20.65 -2.80
C VAL A 316 -4.97 19.49 -2.97
N ILE A 317 -5.03 18.57 -1.99
CA ILE A 317 -5.94 17.42 -2.11
C ILE A 317 -7.40 17.80 -1.89
N GLN A 318 -7.68 18.96 -1.32
CA GLN A 318 -9.07 19.39 -1.20
C GLN A 318 -9.60 20.14 -2.43
N HIS A 319 -8.79 20.36 -3.46
CA HIS A 319 -9.21 21.11 -4.63
C HIS A 319 -8.93 20.36 -5.93
N ARG A 320 -9.76 20.63 -6.93
CA ARG A 320 -9.65 19.95 -8.22
C ARG A 320 -8.40 20.41 -8.97
N GLY A 321 -7.86 19.52 -9.78
CA GLY A 321 -6.74 19.91 -10.64
C GLY A 321 -5.39 19.63 -10.02
N ALA A 322 -4.40 19.42 -10.88
CA ALA A 322 -3.03 19.26 -10.41
C ALA A 322 -2.49 20.57 -9.85
N ILE A 323 -2.64 21.66 -10.61
CA ILE A 323 -2.28 22.99 -10.17
C ILE A 323 -3.57 23.68 -9.79
N ILE A 324 -3.78 23.83 -8.48
CA ILE A 324 -4.99 24.46 -7.94
C ILE A 324 -4.82 25.97 -8.01
N PRO A 325 -5.90 26.76 -7.95
CA PRO A 325 -5.75 28.21 -8.09
C PRO A 325 -4.89 28.82 -6.99
N ALA A 326 -4.21 29.91 -7.33
CA ALA A 326 -3.38 30.62 -6.36
C ALA A 326 -4.20 31.15 -5.19
N ALA A 327 -5.46 31.51 -5.42
CA ALA A 327 -6.29 32.07 -4.35
C ALA A 327 -6.47 31.05 -3.23
N MET A 328 -6.69 29.78 -3.58
CA MET A 328 -6.97 28.75 -2.59
C MET A 328 -5.72 28.17 -1.97
N MET A 329 -4.54 28.62 -2.41
CA MET A 329 -3.28 28.11 -1.90
C MET A 329 -3.11 28.51 -0.44
N PRO A 330 -2.29 27.77 0.31
CA PRO A 330 -2.07 28.15 1.71
C PRO A 330 -1.19 29.38 1.77
N GLU A 331 -1.53 30.30 2.66
CA GLU A 331 -0.70 31.48 2.85
C GLU A 331 0.59 31.06 3.54
N ALA A 332 1.72 31.41 2.94
CA ALA A 332 3.03 31.01 3.46
C ALA A 332 3.60 32.07 4.39
N ILE B 24 -9.18 -27.84 28.70
CA ILE B 24 -10.47 -28.10 28.08
C ILE B 24 -11.07 -26.77 27.61
N ARG B 25 -10.32 -26.05 26.78
CA ARG B 25 -10.76 -24.78 26.22
C ARG B 25 -11.12 -24.97 24.75
N ASN B 26 -12.32 -24.54 24.38
CA ASN B 26 -12.85 -24.74 23.04
C ASN B 26 -12.81 -23.43 22.27
N LEU B 27 -12.16 -23.46 21.10
CA LEU B 27 -12.06 -22.31 20.20
C LEU B 27 -12.58 -22.71 18.83
N ALA B 28 -13.47 -21.90 18.28
CA ALA B 28 -14.15 -22.21 17.02
C ALA B 28 -13.87 -21.12 15.99
N VAL B 29 -13.48 -21.55 14.79
CA VAL B 29 -13.18 -20.65 13.68
C VAL B 29 -14.32 -20.75 12.67
N ILE B 30 -15.07 -19.66 12.51
CA ILE B 30 -16.15 -19.57 11.53
C ILE B 30 -15.61 -19.05 10.22
N GLY B 31 -16.01 -19.68 9.11
CA GLY B 31 -15.53 -19.25 7.80
C GLY B 31 -15.90 -20.23 6.72
N GLU B 32 -15.07 -20.25 5.67
CA GLU B 32 -15.28 -21.13 4.53
C GLU B 32 -13.92 -21.55 4.00
N CYS B 33 -13.81 -22.83 3.66
CA CYS B 33 -12.68 -23.32 2.87
C CYS B 33 -13.13 -23.62 1.45
N MET B 34 -12.17 -23.62 0.55
CA MET B 34 -12.42 -23.70 -0.88
C MET B 34 -11.51 -24.75 -1.51
N ILE B 35 -11.95 -25.29 -2.64
CA ILE B 35 -11.10 -26.16 -3.44
C ILE B 35 -10.08 -25.32 -4.20
N GLU B 36 -8.81 -25.63 -4.03
CA GLU B 36 -7.71 -24.82 -4.53
C GLU B 36 -6.99 -25.58 -5.63
N LEU B 37 -6.86 -24.95 -6.80
CA LEU B 37 -6.12 -25.53 -7.91
C LEU B 37 -4.92 -24.63 -8.20
N SER B 38 -3.73 -25.19 -8.13
CA SER B 38 -2.50 -24.45 -8.39
C SER B 38 -1.96 -24.89 -9.75
N GLN B 39 -1.90 -23.95 -10.69
CA GLN B 39 -1.48 -24.23 -12.05
C GLN B 39 -0.22 -23.45 -12.38
N GLN B 40 0.84 -24.17 -12.75
CA GLN B 40 2.04 -23.59 -13.33
C GLN B 40 2.17 -24.17 -14.74
N GLY B 41 2.07 -23.32 -15.74
CA GLY B 41 2.06 -23.83 -17.11
C GLY B 41 0.87 -24.74 -17.32
N ALA B 42 1.15 -25.93 -17.83
CA ALA B 42 0.14 -26.98 -18.02
C ALA B 42 0.06 -27.94 -16.84
N GLN B 43 0.85 -27.73 -15.80
CA GLN B 43 0.90 -28.62 -14.65
C GLN B 43 -0.02 -28.06 -13.56
N LEU B 44 -0.99 -28.85 -13.13
CA LEU B 44 -1.98 -28.39 -12.17
C LEU B 44 -2.12 -29.38 -11.04
N THR B 45 -2.34 -28.86 -9.82
CA THR B 45 -2.48 -29.69 -8.63
C THR B 45 -3.71 -29.25 -7.84
N ARG B 46 -4.22 -30.18 -7.03
CA ARG B 46 -5.45 -30.02 -6.28
C ARG B 46 -5.18 -29.96 -4.78
N GLY B 47 -5.99 -29.17 -4.10
CA GLY B 47 -5.85 -29.02 -2.67
C GLY B 47 -7.02 -28.23 -2.10
N PHE B 48 -6.82 -27.69 -0.90
CA PHE B 48 -7.84 -26.89 -0.24
C PHE B 48 -7.18 -25.66 0.36
N GLY B 49 -7.94 -24.57 0.48
CA GLY B 49 -7.43 -23.36 1.08
C GLY B 49 -8.52 -22.41 1.49
N GLY B 50 -8.25 -21.64 2.54
CA GLY B 50 -9.10 -20.56 2.98
C GLY B 50 -8.45 -19.77 4.09
N ASP B 51 -8.83 -18.49 4.26
CA ASP B 51 -8.19 -17.67 5.29
C ASP B 51 -8.50 -18.20 6.69
N THR B 52 -9.78 -18.42 6.97
CA THR B 52 -10.19 -18.93 8.27
C THR B 52 -9.65 -20.33 8.51
N LEU B 53 -9.64 -21.18 7.48
CA LEU B 53 -9.07 -22.51 7.64
C LEU B 53 -7.57 -22.43 7.87
N ASN B 54 -6.87 -21.56 7.15
CA ASN B 54 -5.43 -21.45 7.34
C ASN B 54 -5.12 -21.05 8.78
N THR B 55 -5.86 -20.05 9.28
CA THR B 55 -5.68 -19.61 10.67
C THR B 55 -6.00 -20.74 11.64
N ALA B 56 -7.09 -21.47 11.39
CA ALA B 56 -7.49 -22.56 12.29
C ALA B 56 -6.44 -23.67 12.30
N VAL B 57 -5.91 -24.03 11.13
CA VAL B 57 -4.91 -25.08 11.04
C VAL B 57 -3.66 -24.68 11.81
N TYR B 58 -3.17 -23.46 11.58
CA TYR B 58 -1.97 -23.02 12.29
C TYR B 58 -2.24 -22.93 13.80
N LEU B 59 -3.43 -22.49 14.18
CA LEU B 59 -3.81 -22.45 15.59
C LEU B 59 -3.75 -23.84 16.22
N ALA B 60 -4.36 -24.83 15.56
CA ALA B 60 -4.34 -26.18 16.10
C ALA B 60 -2.91 -26.73 16.15
N ARG B 61 -2.12 -26.42 15.13
CA ARG B 61 -0.72 -26.87 15.10
C ARG B 61 0.04 -26.34 16.30
N GLN B 62 -0.13 -25.05 16.62
CA GLN B 62 0.64 -24.42 17.69
C GLN B 62 -0.05 -24.52 19.04
N MET B 63 -1.18 -25.21 19.13
CA MET B 63 -1.93 -25.35 20.37
C MET B 63 -1.93 -26.79 20.84
N PRO B 64 -1.46 -27.07 22.06
CA PRO B 64 -1.61 -28.43 22.58
C PRO B 64 -3.07 -28.80 22.70
N GLU B 65 -3.37 -30.08 22.45
CA GLU B 65 -4.75 -30.52 22.34
C GLU B 65 -5.52 -30.27 23.65
N GLN B 66 -4.93 -30.65 24.78
CA GLN B 66 -5.60 -30.48 26.06
C GLN B 66 -5.80 -29.00 26.39
N ALA B 67 -4.77 -28.18 26.17
CA ALA B 67 -4.84 -26.76 26.52
C ALA B 67 -5.95 -26.05 25.74
N LEU B 68 -6.01 -26.25 24.43
CA LEU B 68 -7.00 -25.59 23.59
C LEU B 68 -7.50 -26.54 22.51
N ARG B 69 -8.79 -26.45 22.20
CA ARG B 69 -9.45 -27.29 21.21
C ARG B 69 -9.92 -26.41 20.07
N VAL B 70 -9.29 -26.55 18.90
CA VAL B 70 -9.64 -25.79 17.71
C VAL B 70 -10.67 -26.56 16.88
N HIS B 71 -11.77 -25.88 16.54
CA HIS B 71 -12.82 -26.44 15.70
C HIS B 71 -13.09 -25.49 14.55
N TYR B 72 -13.59 -26.04 13.45
CA TYR B 72 -13.86 -25.25 12.25
C TYR B 72 -15.36 -25.33 11.99
N VAL B 73 -15.98 -24.20 11.72
CA VAL B 73 -17.42 -24.13 11.51
C VAL B 73 -17.64 -23.71 10.07
N THR B 74 -18.13 -24.63 9.26
CA THR B 74 -18.36 -24.40 7.85
C THR B 74 -19.47 -25.33 7.38
N ALA B 75 -19.77 -25.27 6.10
CA ALA B 75 -20.67 -26.23 5.46
C ALA B 75 -20.01 -26.77 4.21
N LEU B 76 -20.14 -28.07 3.98
CA LEU B 76 -19.55 -28.74 2.85
C LEU B 76 -20.59 -29.63 2.17
N GLY B 77 -20.20 -30.18 1.03
CA GLY B 77 -21.03 -31.14 0.32
C GLY B 77 -20.84 -32.55 0.83
N THR B 78 -21.60 -33.47 0.23
CA THR B 78 -21.46 -34.89 0.48
C THR B 78 -20.40 -35.53 -0.42
N ASP B 79 -19.74 -34.71 -1.24
CA ASP B 79 -18.87 -35.14 -2.31
C ASP B 79 -17.53 -35.69 -1.79
N SER B 80 -16.71 -36.14 -2.73
CA SER B 80 -15.38 -36.67 -2.42
C SER B 80 -14.43 -35.56 -1.95
N PHE B 81 -14.48 -34.38 -2.58
CA PHE B 81 -13.56 -33.31 -2.19
C PHE B 81 -13.82 -32.89 -0.74
N SER B 82 -15.09 -32.82 -0.35
CA SER B 82 -15.43 -32.52 1.04
C SER B 82 -14.86 -33.57 1.98
N GLY B 83 -14.95 -34.85 1.60
CA GLY B 83 -14.38 -35.89 2.42
C GLY B 83 -12.88 -35.79 2.54
N ASP B 84 -12.21 -35.41 1.44
CA ASP B 84 -10.76 -35.19 1.49
C ASP B 84 -10.42 -34.08 2.45
N MET B 85 -11.16 -32.97 2.38
CA MET B 85 -10.95 -31.87 3.31
C MET B 85 -11.15 -32.32 4.75
N LEU B 86 -12.23 -33.05 5.01
CA LEU B 86 -12.52 -33.48 6.38
C LEU B 86 -11.45 -34.41 6.91
N GLN B 87 -10.98 -35.35 6.08
CA GLN B 87 -9.91 -36.25 6.51
C GLN B 87 -8.64 -35.47 6.82
N ALA B 88 -8.27 -34.51 5.97
CA ALA B 88 -7.09 -33.71 6.23
C ALA B 88 -7.23 -32.90 7.52
N TRP B 89 -8.40 -32.31 7.75
CA TRP B 89 -8.61 -31.51 8.94
C TRP B 89 -8.58 -32.36 10.21
N ARG B 90 -9.16 -33.56 10.17
CA ARG B 90 -9.02 -34.48 11.29
C ARG B 90 -7.55 -34.84 11.50
N GLN B 91 -6.82 -35.06 10.41
CA GLN B 91 -5.38 -35.29 10.50
C GLN B 91 -4.64 -34.06 11.01
N GLU B 92 -5.22 -32.86 10.86
CA GLU B 92 -4.65 -31.65 11.41
C GLU B 92 -5.17 -31.35 12.81
N LYS B 93 -5.80 -32.32 13.47
CA LYS B 93 -6.24 -32.22 14.86
C LYS B 93 -7.27 -31.11 15.04
N ILE B 94 -8.16 -30.96 14.07
CA ILE B 94 -9.27 -30.01 14.14
C ILE B 94 -10.56 -30.81 14.18
N GLU B 95 -11.37 -30.60 15.22
CA GLU B 95 -12.65 -31.28 15.33
C GLU B 95 -13.64 -30.74 14.31
N THR B 96 -14.44 -31.65 13.75
CA THR B 96 -15.42 -31.34 12.72
C THR B 96 -16.85 -31.49 13.21
N GLY B 97 -17.07 -31.39 14.53
CA GLY B 97 -18.38 -31.70 15.08
C GLY B 97 -19.50 -30.85 14.51
N LEU B 98 -19.21 -29.57 14.25
CA LEU B 98 -20.23 -28.62 13.82
C LEU B 98 -20.24 -28.40 12.31
N ILE B 99 -19.44 -29.14 11.56
CA ILE B 99 -19.38 -29.01 10.11
C ILE B 99 -20.61 -29.71 9.52
N GLN B 100 -21.60 -28.93 9.09
CA GLN B 100 -22.78 -29.49 8.46
C GLN B 100 -22.47 -29.89 7.01
N GLN B 101 -23.22 -30.86 6.51
CA GLN B 101 -23.03 -31.39 5.17
C GLN B 101 -24.33 -31.26 4.38
N PHE B 102 -24.23 -30.68 3.18
CA PHE B 102 -25.38 -30.50 2.29
C PHE B 102 -25.18 -31.40 1.08
N ASP B 103 -26.16 -32.25 0.80
CA ASP B 103 -26.03 -33.20 -0.30
C ASP B 103 -26.00 -32.50 -1.66
N ASN B 104 -26.95 -31.58 -1.90
CA ASN B 104 -27.01 -30.93 -3.21
C ASN B 104 -25.86 -29.96 -3.42
N LYS B 105 -25.38 -29.32 -2.35
CA LYS B 105 -24.34 -28.31 -2.47
C LYS B 105 -22.96 -28.94 -2.66
N LEU B 106 -22.04 -28.11 -3.12
CA LEU B 106 -20.67 -28.47 -3.41
C LEU B 106 -19.76 -27.38 -2.87
N PRO B 107 -18.50 -27.71 -2.55
CA PRO B 107 -17.60 -26.71 -1.98
C PRO B 107 -17.29 -25.63 -2.99
N GLY B 108 -16.91 -24.47 -2.48
CA GLY B 108 -16.42 -23.42 -3.35
C GLY B 108 -15.07 -23.78 -3.92
N LEU B 109 -14.77 -23.24 -5.10
CA LEU B 109 -13.56 -23.61 -5.81
C LEU B 109 -12.86 -22.35 -6.33
N TYR B 110 -11.55 -22.28 -6.14
CA TYR B 110 -10.78 -21.19 -6.70
C TYR B 110 -9.51 -21.75 -7.34
N LEU B 111 -8.96 -20.96 -8.25
CA LEU B 111 -7.78 -21.32 -9.02
C LEU B 111 -6.71 -20.27 -8.85
N ILE B 112 -5.47 -20.74 -8.68
CA ILE B 112 -4.31 -19.88 -8.55
C ILE B 112 -3.44 -20.08 -9.79
N GLU B 113 -3.02 -18.96 -10.39
CA GLU B 113 -2.18 -18.95 -11.57
C GLU B 113 -0.85 -18.30 -11.22
N THR B 114 0.23 -18.82 -11.80
CA THR B 114 1.58 -18.37 -11.52
C THR B 114 2.13 -17.71 -12.77
N ASP B 115 2.56 -16.46 -12.64
CA ASP B 115 3.12 -15.72 -13.75
C ASP B 115 4.55 -16.19 -14.01
N ALA B 116 5.08 -15.82 -15.19
CA ALA B 116 6.47 -16.15 -15.50
C ALA B 116 7.42 -15.53 -14.48
N ALA B 117 7.14 -14.28 -14.08
CA ALA B 117 7.94 -13.61 -13.07
C ALA B 117 7.68 -14.15 -11.67
N GLY B 118 6.56 -14.87 -11.48
CA GLY B 118 6.17 -15.36 -10.17
C GLY B 118 4.96 -14.68 -9.57
N GLU B 119 4.37 -13.72 -10.26
CA GLU B 119 3.15 -13.09 -9.78
C GLU B 119 2.01 -14.10 -9.74
N ARG B 120 1.18 -14.02 -8.70
CA ARG B 120 0.09 -14.96 -8.49
C ARG B 120 -1.25 -14.27 -8.70
N THR B 121 -2.11 -14.89 -9.50
CA THR B 121 -3.44 -14.38 -9.81
C THR B 121 -4.51 -15.38 -9.34
N PHE B 122 -5.56 -14.87 -8.72
CA PHE B 122 -6.60 -15.70 -8.13
C PHE B 122 -7.92 -15.51 -8.86
N TYR B 123 -8.59 -16.63 -9.16
CA TYR B 123 -9.92 -16.64 -9.74
C TYR B 123 -10.84 -17.45 -8.84
N TYR B 124 -12.06 -16.96 -8.61
CA TYR B 124 -12.94 -17.55 -7.62
C TYR B 124 -14.28 -17.96 -8.22
N TRP B 125 -14.82 -19.08 -7.71
CA TRP B 125 -16.15 -19.61 -8.00
C TRP B 125 -16.70 -20.07 -6.64
N ARG B 126 -17.36 -19.15 -5.92
CA ARG B 126 -17.90 -19.50 -4.60
C ARG B 126 -19.27 -18.90 -4.36
N ASN B 127 -19.99 -18.50 -5.41
CA ASN B 127 -21.25 -17.79 -5.24
C ASN B 127 -22.32 -18.68 -4.63
N ASP B 128 -22.31 -19.98 -4.94
CA ASP B 128 -23.29 -20.90 -4.40
C ASP B 128 -22.60 -22.01 -3.61
N ALA B 129 -21.51 -21.68 -2.93
CA ALA B 129 -20.78 -22.66 -2.14
C ALA B 129 -21.63 -23.12 -0.96
N ALA B 130 -21.34 -24.34 -0.49
CA ALA B 130 -22.10 -24.90 0.63
C ALA B 130 -21.91 -24.08 1.89
N ALA B 131 -20.70 -23.60 2.14
CA ALA B 131 -20.40 -22.86 3.36
C ALA B 131 -21.25 -21.61 3.52
N ARG B 132 -21.72 -21.03 2.40
CA ARG B 132 -22.54 -19.82 2.49
C ARG B 132 -23.84 -20.05 3.24
N TYR B 133 -24.39 -21.27 3.18
CA TYR B 133 -25.70 -21.58 3.73
C TYR B 133 -25.62 -22.27 5.09
N TRP B 134 -24.46 -22.21 5.75
CA TRP B 134 -24.31 -22.92 7.02
C TRP B 134 -25.28 -22.39 8.08
N LEU B 135 -25.56 -21.08 8.07
CA LEU B 135 -26.54 -20.51 8.96
C LEU B 135 -27.96 -20.56 8.42
N ALA B 136 -28.16 -20.98 7.17
CA ALA B 136 -29.50 -21.14 6.63
C ALA B 136 -30.10 -22.51 6.92
N GLY B 137 -29.29 -23.46 7.42
CA GLY B 137 -29.75 -24.79 7.72
C GLY B 137 -30.67 -24.80 8.92
N PRO B 138 -31.51 -25.83 9.02
CA PRO B 138 -32.37 -25.96 10.21
C PRO B 138 -31.57 -26.04 11.49
N GLN B 139 -30.38 -26.64 11.43
CA GLN B 139 -29.56 -26.85 12.60
C GLN B 139 -28.91 -25.57 13.11
N ALA B 140 -28.95 -24.49 12.32
CA ALA B 140 -28.18 -23.28 12.65
C ALA B 140 -28.53 -22.79 14.04
N ASP B 141 -29.83 -22.60 14.31
CA ASP B 141 -30.27 -22.15 15.63
C ASP B 141 -29.70 -23.05 16.71
N ALA B 142 -29.86 -24.37 16.54
CA ALA B 142 -29.30 -25.31 17.51
C ALA B 142 -27.81 -25.06 17.68
N LEU B 143 -27.08 -25.01 16.56
CA LEU B 143 -25.64 -24.78 16.62
C LEU B 143 -25.34 -23.47 17.35
N CYS B 144 -26.17 -22.44 17.13
CA CYS B 144 -25.95 -21.18 17.82
C CYS B 144 -25.85 -21.40 19.32
N GLU B 145 -26.83 -22.12 19.88
CA GLU B 145 -26.80 -22.38 21.31
C GLU B 145 -25.51 -23.07 21.70
N ARG B 146 -25.14 -24.11 20.93
CA ARG B 146 -23.92 -24.85 21.23
C ARG B 146 -22.71 -23.92 21.20
N LEU B 147 -22.63 -23.08 20.17
CA LEU B 147 -21.51 -22.16 20.06
C LEU B 147 -21.59 -20.98 21.03
N ALA B 148 -22.79 -20.65 21.51
CA ALA B 148 -22.93 -19.50 22.41
C ALA B 148 -22.08 -19.65 23.66
N GLN B 149 -21.89 -20.87 24.14
CA GLN B 149 -21.13 -21.11 25.36
C GLN B 149 -19.64 -21.37 25.10
N PHE B 150 -19.19 -21.27 23.86
CA PHE B 150 -17.79 -21.52 23.55
C PHE B 150 -16.90 -20.48 24.20
N ASP B 151 -15.65 -20.89 24.48
CA ASP B 151 -14.71 -19.98 25.13
C ASP B 151 -14.26 -18.88 24.18
N TYR B 152 -13.85 -19.25 22.96
CA TYR B 152 -13.30 -18.29 22.01
C TYR B 152 -13.87 -18.57 20.62
N LEU B 153 -14.24 -17.51 19.92
CA LEU B 153 -14.79 -17.62 18.57
C LEU B 153 -14.00 -16.71 17.64
N TYR B 154 -13.69 -17.22 16.45
CA TYR B 154 -12.85 -16.51 15.49
C TYR B 154 -13.55 -16.46 14.14
N LEU B 155 -13.62 -15.27 13.54
CA LEU B 155 -14.21 -15.09 12.22
C LEU B 155 -13.46 -13.99 11.49
N SER B 156 -13.58 -13.99 10.16
CA SER B 156 -12.97 -12.97 9.32
C SER B 156 -14.05 -12.24 8.54
N GLY B 157 -13.66 -11.12 7.92
CA GLY B 157 -14.59 -10.37 7.10
C GLY B 157 -15.14 -11.16 5.94
N ILE B 158 -14.32 -12.08 5.39
CA ILE B 158 -14.80 -12.96 4.32
C ILE B 158 -15.93 -13.84 4.83
N SER B 159 -15.82 -14.33 6.06
CA SER B 159 -16.89 -15.16 6.64
C SER B 159 -18.20 -14.40 6.65
N LEU B 160 -18.16 -13.11 7.02
CA LEU B 160 -19.36 -12.28 6.96
C LEU B 160 -19.82 -12.08 5.53
N ALA B 161 -18.88 -11.89 4.60
CA ALA B 161 -19.22 -11.51 3.23
C ALA B 161 -20.03 -12.59 2.53
N ILE B 162 -19.61 -13.85 2.67
CA ILE B 162 -20.28 -14.93 1.96
C ILE B 162 -21.71 -15.11 2.47
N LEU B 163 -21.90 -14.92 3.77
CA LEU B 163 -23.21 -15.09 4.38
C LEU B 163 -24.21 -14.07 3.84
N ALA B 164 -25.46 -14.52 3.68
CA ALA B 164 -26.53 -13.62 3.30
C ALA B 164 -26.90 -12.73 4.49
N PRO B 165 -27.53 -11.58 4.23
CA PRO B 165 -27.73 -10.60 5.33
C PRO B 165 -28.49 -11.15 6.53
N ALA B 166 -29.54 -11.94 6.34
CA ALA B 166 -30.25 -12.51 7.48
C ALA B 166 -29.35 -13.42 8.30
N ASP B 167 -28.63 -14.32 7.62
CA ASP B 167 -27.68 -15.19 8.31
C ASP B 167 -26.56 -14.38 8.94
N ARG B 168 -26.14 -13.29 8.28
CA ARG B 168 -25.11 -12.42 8.86
C ARG B 168 -25.59 -11.81 10.18
N MET B 169 -26.83 -11.35 10.22
CA MET B 169 -27.42 -10.84 11.46
C MET B 169 -27.47 -11.93 12.52
N LYS B 170 -27.84 -13.16 12.11
CA LYS B 170 -27.84 -14.28 13.05
C LYS B 170 -26.45 -14.49 13.66
N LEU B 171 -25.42 -14.42 12.82
CA LEU B 171 -24.05 -14.60 13.31
C LEU B 171 -23.67 -13.49 14.29
N LEU B 172 -24.06 -12.25 14.00
CA LEU B 172 -23.77 -11.15 14.91
C LEU B 172 -24.45 -11.38 16.27
N ALA B 173 -25.70 -11.83 16.23
CA ALA B 173 -26.41 -12.12 17.48
C ALA B 173 -25.71 -13.24 18.24
N LEU B 174 -25.24 -14.27 17.53
CA LEU B 174 -24.51 -15.35 18.19
C LEU B 174 -23.23 -14.83 18.83
N LEU B 175 -22.52 -13.92 18.16
CA LEU B 175 -21.31 -13.33 18.74
C LEU B 175 -21.63 -12.61 20.04
N ARG B 176 -22.71 -11.83 20.05
CA ARG B 176 -23.10 -11.16 21.30
C ARG B 176 -23.48 -12.16 22.38
N ARG B 177 -24.18 -13.24 22.01
CA ARG B 177 -24.51 -14.26 23.00
C ARG B 177 -23.26 -14.89 23.59
N CYS B 178 -22.26 -15.16 22.75
CA CYS B 178 -21.01 -15.71 23.24
C CYS B 178 -20.31 -14.76 24.19
N ARG B 179 -20.29 -13.46 23.85
CA ARG B 179 -19.73 -12.48 24.76
C ARG B 179 -20.47 -12.44 26.08
N ALA B 180 -21.81 -12.48 26.03
CA ALA B 180 -22.60 -12.39 27.26
C ALA B 180 -22.32 -13.55 28.21
N ASN B 181 -22.02 -14.73 27.67
CA ASN B 181 -21.71 -15.90 28.48
C ASN B 181 -20.21 -16.03 28.76
N GLY B 182 -19.45 -14.95 28.58
CA GLY B 182 -18.05 -14.91 28.90
C GLY B 182 -17.09 -15.21 27.77
N GLY B 183 -17.58 -15.48 26.56
CA GLY B 183 -16.70 -15.78 25.45
C GLY B 183 -16.04 -14.53 24.88
N LYS B 184 -14.91 -14.75 24.20
CA LYS B 184 -14.16 -13.68 23.56
C LYS B 184 -14.17 -13.90 22.04
N VAL B 185 -14.56 -12.87 21.31
CA VAL B 185 -14.70 -12.93 19.85
C VAL B 185 -13.49 -12.27 19.20
N ILE B 186 -12.89 -12.93 18.22
CA ILE B 186 -11.74 -12.44 17.50
C ILE B 186 -12.12 -12.26 16.03
N PHE B 187 -11.79 -11.10 15.46
CA PHE B 187 -12.16 -10.75 14.09
C PHE B 187 -10.95 -10.25 13.33
N ASP B 188 -10.73 -10.80 12.13
CA ASP B 188 -9.69 -10.36 11.21
C ASP B 188 -10.37 -9.68 10.02
N ASN B 189 -9.82 -8.55 9.60
CA ASN B 189 -10.46 -7.75 8.55
C ASN B 189 -9.99 -8.12 7.15
N ASN B 190 -10.02 -9.41 6.80
CA ASN B 190 -9.65 -9.79 5.44
C ASN B 190 -10.70 -9.22 4.50
N TYR B 191 -10.29 -8.30 3.62
CA TYR B 191 -11.19 -7.55 2.78
C TYR B 191 -11.04 -7.97 1.32
N ARG B 192 -12.08 -8.59 0.78
CA ARG B 192 -12.18 -8.86 -0.64
C ARG B 192 -13.49 -8.24 -1.13
N PRO B 193 -13.43 -7.12 -1.84
CA PRO B 193 -14.66 -6.35 -2.13
C PRO B 193 -15.70 -7.12 -2.94
N ARG B 194 -15.27 -8.08 -3.76
CA ARG B 194 -16.18 -8.75 -4.69
C ARG B 194 -17.36 -9.39 -3.97
N LEU B 195 -17.10 -10.02 -2.82
CA LEU B 195 -18.16 -10.73 -2.12
C LEU B 195 -19.25 -9.79 -1.60
N TRP B 196 -18.90 -8.53 -1.35
CA TRP B 196 -19.85 -7.56 -0.86
C TRP B 196 -20.51 -6.84 -2.03
N GLN B 197 -21.82 -6.58 -1.90
CA GLN B 197 -22.54 -5.87 -2.95
C GLN B 197 -22.00 -4.46 -3.16
N SER B 198 -21.66 -3.77 -2.06
CA SER B 198 -21.18 -2.40 -2.15
C SER B 198 -20.20 -2.14 -1.02
N ARG B 199 -19.43 -1.06 -1.18
CA ARG B 199 -18.48 -0.64 -0.14
C ARG B 199 -19.20 -0.29 1.16
N GLU B 200 -20.34 0.40 1.06
CA GLU B 200 -21.07 0.83 2.24
C GLU B 200 -21.61 -0.36 3.03
N GLU B 201 -22.09 -1.39 2.32
CA GLU B 201 -22.51 -2.61 2.99
C GLU B 201 -21.36 -3.22 3.79
N THR B 202 -20.17 -3.25 3.18
CA THR B 202 -19.00 -3.79 3.88
C THR B 202 -18.73 -2.99 5.14
N GLN B 203 -18.77 -1.66 5.04
CA GLN B 203 -18.45 -0.83 6.17
C GLN B 203 -19.42 -1.05 7.32
N GLN B 204 -20.73 -1.08 7.01
CA GLN B 204 -21.71 -1.28 8.07
C GLN B 204 -21.59 -2.67 8.70
N ALA B 205 -21.42 -3.71 7.89
CA ALA B 205 -21.29 -5.06 8.45
C ALA B 205 -20.03 -5.17 9.30
N TYR B 206 -18.93 -4.56 8.85
CA TYR B 206 -17.69 -4.57 9.60
C TYR B 206 -17.88 -3.87 10.95
N ARG B 207 -18.61 -2.76 10.96
CA ARG B 207 -18.89 -2.07 12.21
C ARG B 207 -19.73 -2.93 13.14
N GLU B 208 -20.76 -3.58 12.59
CA GLU B 208 -21.63 -4.41 13.43
C GLU B 208 -20.84 -5.52 14.11
N VAL B 209 -20.00 -6.22 13.35
CA VAL B 209 -19.21 -7.29 13.96
C VAL B 209 -18.18 -6.70 14.92
N LEU B 210 -17.58 -5.56 14.57
CA LEU B 210 -16.57 -4.94 15.42
C LEU B 210 -17.13 -4.54 16.77
N ALA B 211 -18.43 -4.24 16.84
CA ALA B 211 -19.07 -4.03 18.14
C ALA B 211 -18.95 -5.28 19.01
N CYS B 212 -19.12 -6.46 18.40
CA CYS B 212 -19.03 -7.73 19.11
C CYS B 212 -17.62 -8.30 19.16
N THR B 213 -16.61 -7.57 18.72
CA THR B 213 -15.25 -8.09 18.66
C THR B 213 -14.49 -7.77 19.94
N ASP B 214 -13.68 -8.72 20.39
CA ASP B 214 -12.83 -8.56 21.57
C ASP B 214 -11.36 -8.37 21.22
N ILE B 215 -10.86 -9.12 20.23
CA ILE B 215 -9.52 -8.94 19.70
C ILE B 215 -9.68 -8.79 18.19
N ALA B 216 -9.09 -7.74 17.63
CA ALA B 216 -9.24 -7.45 16.21
C ALA B 216 -7.87 -7.41 15.56
N PHE B 217 -7.70 -8.22 14.53
CA PHE B 217 -6.53 -8.18 13.66
C PHE B 217 -6.89 -7.34 12.44
N LEU B 218 -6.20 -6.22 12.27
CA LEU B 218 -6.50 -5.30 11.17
C LEU B 218 -5.28 -5.20 10.28
N THR B 219 -5.40 -5.72 9.06
CA THR B 219 -4.37 -5.50 8.05
C THR B 219 -4.53 -4.08 7.51
N LEU B 220 -3.44 -3.31 7.50
CA LEU B 220 -3.53 -1.90 7.14
C LEU B 220 -4.03 -1.72 5.71
N ASP B 221 -3.58 -2.57 4.79
CA ASP B 221 -4.02 -2.45 3.39
C ASP B 221 -5.52 -2.67 3.28
N ASP B 222 -6.05 -3.73 3.91
CA ASP B 222 -7.49 -3.97 3.86
C ASP B 222 -8.26 -2.84 4.54
N GLU B 223 -7.77 -2.39 5.70
CA GLU B 223 -8.43 -1.30 6.43
C GLU B 223 -8.52 -0.05 5.58
N GLU B 224 -7.39 0.34 4.97
CA GLU B 224 -7.35 1.55 4.16
C GLU B 224 -8.18 1.40 2.89
N LEU B 225 -8.17 0.21 2.28
CA LEU B 225 -8.99 -0.01 1.10
C LEU B 225 -10.47 0.15 1.43
N LEU B 226 -10.90 -0.40 2.57
CA LEU B 226 -12.32 -0.32 2.92
C LEU B 226 -12.72 1.08 3.36
N TRP B 227 -11.94 1.71 4.24
CA TRP B 227 -12.33 2.97 4.85
C TRP B 227 -11.66 4.19 4.23
N GLY B 228 -10.69 4.00 3.34
CA GLY B 228 -9.92 5.11 2.86
C GLY B 228 -8.67 5.34 3.70
N ALA B 229 -7.68 5.98 3.09
CA ALA B 229 -6.47 6.31 3.83
C ALA B 229 -6.81 7.19 5.02
N GLN B 230 -6.26 6.87 6.17
CA GLN B 230 -6.53 7.56 7.41
C GLN B 230 -5.26 7.59 8.22
N PRO B 231 -5.13 8.52 9.16
CA PRO B 231 -3.92 8.56 9.99
C PRO B 231 -3.75 7.29 10.81
N ILE B 232 -2.50 7.02 11.19
CA ILE B 232 -2.17 5.80 11.92
C ILE B 232 -3.02 5.68 13.18
N GLU B 233 -3.40 6.81 13.77
CA GLU B 233 -4.17 6.83 15.00
C GLU B 233 -5.68 6.66 14.76
N GLN B 234 -6.20 7.25 13.68
CA GLN B 234 -7.65 7.29 13.48
C GLN B 234 -8.25 5.89 13.33
N VAL B 235 -7.49 4.93 12.81
CA VAL B 235 -7.96 3.54 12.77
C VAL B 235 -8.24 3.06 14.19
N VAL B 236 -7.29 3.29 15.09
CA VAL B 236 -7.46 2.89 16.48
C VAL B 236 -8.63 3.64 17.11
N ALA B 237 -8.78 4.91 16.76
CA ALA B 237 -9.89 5.69 17.31
C ALA B 237 -11.23 5.07 16.93
N ARG B 238 -11.39 4.74 15.65
CA ARG B 238 -12.63 4.13 15.19
C ARG B 238 -12.87 2.77 15.85
N THR B 239 -11.83 1.93 15.90
CA THR B 239 -11.99 0.59 16.43
C THR B 239 -12.28 0.61 17.93
N GLN B 240 -11.54 1.44 18.68
CA GLN B 240 -11.75 1.53 20.12
C GLN B 240 -13.10 2.14 20.44
N ALA B 241 -13.54 3.12 19.65
CA ALA B 241 -14.89 3.66 19.82
C ALA B 241 -15.95 2.59 19.57
N LEU B 242 -15.65 1.62 18.69
CA LEU B 242 -16.58 0.50 18.51
C LEU B 242 -16.66 -0.38 19.76
N GLY B 243 -15.57 -0.55 20.48
CA GLY B 243 -15.60 -1.31 21.72
C GLY B 243 -14.62 -2.46 21.78
N VAL B 244 -13.68 -2.50 20.84
CA VAL B 244 -12.67 -3.56 20.80
C VAL B 244 -11.65 -3.29 21.90
N GLY B 245 -11.31 -4.34 22.66
CA GLY B 245 -10.35 -4.19 23.73
C GLY B 245 -8.92 -4.17 23.26
N GLU B 246 -8.50 -5.21 22.54
CA GLU B 246 -7.13 -5.35 22.06
C GLU B 246 -7.13 -5.22 20.55
N ILE B 247 -6.27 -4.35 20.02
CA ILE B 247 -6.23 -4.10 18.58
C ILE B 247 -4.84 -4.45 18.08
N VAL B 248 -4.76 -5.36 17.11
CA VAL B 248 -3.50 -5.73 16.51
C VAL B 248 -3.54 -5.28 15.05
N ILE B 249 -2.57 -4.47 14.67
CA ILE B 249 -2.46 -3.93 13.32
C ILE B 249 -1.24 -4.56 12.67
N LYS B 250 -1.48 -5.26 11.55
CA LYS B 250 -0.44 -5.91 10.77
C LYS B 250 -0.10 -5.02 9.58
N ARG B 251 1.20 -4.85 9.35
CA ARG B 251 1.69 -3.99 8.28
C ARG B 251 2.68 -4.71 7.38
N GLY B 252 2.60 -6.04 7.32
CA GLY B 252 3.42 -6.82 6.42
C GLY B 252 4.86 -6.86 6.84
N ALA B 253 5.74 -6.25 6.06
CA ALA B 253 7.15 -6.15 6.41
C ALA B 253 7.41 -5.06 7.45
N HIS B 254 6.43 -4.21 7.72
CA HIS B 254 6.59 -3.12 8.68
C HIS B 254 6.18 -3.57 10.09
N ALA B 255 6.58 -2.78 11.07
CA ALA B 255 6.36 -3.13 12.47
C ALA B 255 4.88 -3.28 12.80
N CYS B 256 4.54 -4.36 13.49
CA CYS B 256 3.18 -4.56 13.97
C CYS B 256 2.89 -3.60 15.11
N LEU B 257 1.61 -3.29 15.32
CA LEU B 257 1.21 -2.33 16.34
C LEU B 257 0.04 -2.85 17.16
N VAL B 258 0.24 -2.96 18.47
CA VAL B 258 -0.77 -3.47 19.40
C VAL B 258 -1.25 -2.32 20.27
N PHE B 259 -2.57 -2.17 20.36
CA PHE B 259 -3.20 -1.06 21.07
C PHE B 259 -4.10 -1.55 22.20
N SER B 260 -3.92 -0.92 23.37
CA SER B 260 -4.49 -1.25 24.67
C SER B 260 -3.89 -2.50 25.29
N GLY B 263 -4.85 2.58 27.04
CA GLY B 263 -4.07 3.52 26.26
C GLY B 263 -2.66 3.03 25.95
N GLU B 264 -2.37 1.79 26.35
CA GLU B 264 -1.06 1.21 26.08
C GLU B 264 -0.85 1.04 24.58
N LYS B 265 0.38 1.33 24.14
CA LYS B 265 0.77 1.26 22.74
C LYS B 265 2.08 0.50 22.61
N LEU B 266 2.08 -0.58 21.84
CA LEU B 266 3.29 -1.36 21.64
C LEU B 266 3.55 -1.47 20.15
N GLU B 267 4.83 -1.40 19.78
CA GLU B 267 5.24 -1.54 18.38
C GLU B 267 6.30 -2.63 18.33
N VAL B 268 5.95 -3.76 17.72
CA VAL B 268 6.81 -4.94 17.69
C VAL B 268 7.26 -5.16 16.26
N PRO B 269 8.56 -5.05 15.97
CA PRO B 269 9.02 -5.19 14.59
C PRO B 269 8.88 -6.61 14.06
N ALA B 270 8.65 -6.71 12.75
CA ALA B 270 8.70 -7.98 12.07
C ALA B 270 10.14 -8.39 11.82
N ILE B 271 10.38 -9.69 11.72
CA ILE B 271 11.73 -10.21 11.50
C ILE B 271 12.16 -9.90 10.06
N ALA B 272 13.34 -9.29 9.92
CA ALA B 272 13.84 -8.90 8.61
C ALA B 272 14.24 -10.10 7.77
N LEU B 273 13.94 -10.05 6.48
CA LEU B 273 14.21 -11.15 5.56
C LEU B 273 14.86 -10.65 4.27
N PRO B 274 15.95 -11.27 3.82
CA PRO B 274 16.53 -10.88 2.54
C PRO B 274 15.57 -11.18 1.40
N PRO B 275 15.67 -10.47 0.27
CA PRO B 275 14.72 -10.69 -0.83
C PRO B 275 14.73 -12.11 -1.37
N GLU B 276 15.87 -12.80 -1.34
CA GLU B 276 15.95 -14.16 -1.87
C GLU B 276 15.04 -15.11 -1.11
N ARG B 277 14.89 -14.90 0.20
CA ARG B 277 14.12 -15.82 1.02
C ARG B 277 12.62 -15.65 0.88
N ILE B 278 12.16 -14.59 0.21
CA ILE B 278 10.73 -14.39 -0.01
C ILE B 278 10.32 -15.28 -1.17
N VAL B 279 9.45 -16.25 -0.90
CA VAL B 279 9.06 -17.18 -1.96
C VAL B 279 7.56 -17.22 -2.13
N ASP B 280 6.81 -16.95 -1.06
CA ASP B 280 5.35 -17.02 -1.15
C ASP B 280 4.78 -16.21 0.01
N THR B 281 4.07 -15.13 -0.31
CA THR B 281 3.50 -14.24 0.68
C THR B 281 2.07 -14.65 1.09
N THR B 282 1.64 -15.84 0.68
CA THR B 282 0.29 -16.27 0.98
C THR B 282 0.19 -16.82 2.39
N ALA B 283 -0.99 -16.65 2.99
CA ALA B 283 -1.36 -17.02 4.36
C ALA B 283 -0.52 -16.31 5.41
N ALA B 284 0.34 -15.36 5.03
CA ALA B 284 1.18 -14.67 6.00
C ALA B 284 0.35 -14.06 7.12
N GLY B 285 -0.63 -13.21 6.75
CA GLY B 285 -1.46 -12.59 7.77
C GLY B 285 -2.28 -13.59 8.56
N ASP B 286 -2.80 -14.61 7.87
CA ASP B 286 -3.57 -15.65 8.54
C ASP B 286 -2.72 -16.37 9.58
N SER B 287 -1.48 -16.72 9.19
CA SER B 287 -0.55 -17.36 10.11
C SER B 287 -0.18 -16.44 11.26
N PHE B 288 -0.04 -15.13 10.99
CA PHE B 288 0.24 -14.19 12.06
C PHE B 288 -0.89 -14.15 13.08
N SER B 289 -2.13 -14.10 12.59
CA SER B 289 -3.27 -14.14 13.51
C SER B 289 -3.25 -15.41 14.34
N ALA B 290 -2.94 -16.54 13.71
CA ALA B 290 -2.94 -17.80 14.44
C ALA B 290 -1.83 -17.86 15.50
N GLY B 291 -0.62 -17.48 15.13
CA GLY B 291 0.48 -17.54 16.09
C GLY B 291 0.29 -16.55 17.22
N TYR B 292 -0.13 -15.32 16.89
CA TYR B 292 -0.44 -14.33 17.92
C TYR B 292 -1.49 -14.87 18.88
N LEU B 293 -2.54 -15.50 18.35
CA LEU B 293 -3.60 -16.00 19.21
C LEU B 293 -3.12 -17.19 20.05
N ALA B 294 -2.30 -18.07 19.47
CA ALA B 294 -1.81 -19.22 20.21
C ALA B 294 -0.95 -18.80 21.39
N ALA B 295 -0.03 -17.85 21.17
CA ALA B 295 0.76 -17.35 22.29
C ALA B 295 -0.10 -16.53 23.25
N ARG B 296 -1.02 -15.71 22.72
CA ARG B 296 -1.79 -14.77 23.53
C ARG B 296 -2.73 -15.47 24.50
N LEU B 297 -3.40 -16.54 24.07
CA LEU B 297 -4.39 -17.21 24.89
C LEU B 297 -3.79 -18.26 25.83
N ASN B 298 -2.47 -18.43 25.80
CA ASN B 298 -1.76 -19.34 26.69
C ASN B 298 -1.05 -18.60 27.81
N GLY B 299 -1.56 -17.43 28.19
CA GLY B 299 -0.97 -16.62 29.23
C GLY B 299 0.14 -15.71 28.76
N GLY B 300 0.47 -15.71 27.47
CA GLY B 300 1.49 -14.84 26.96
C GLY B 300 1.05 -13.40 26.85
N SER B 301 2.04 -12.50 26.85
CA SER B 301 1.82 -11.07 26.71
C SER B 301 1.60 -10.70 25.24
N ALA B 302 1.08 -9.49 25.03
CA ALA B 302 0.84 -9.02 23.66
C ALA B 302 2.15 -8.89 22.89
N GLN B 303 3.20 -8.36 23.52
CA GLN B 303 4.50 -8.25 22.86
C GLN B 303 5.04 -9.62 22.47
N TRP B 304 4.99 -10.57 23.40
CA TRP B 304 5.47 -11.93 23.11
C TRP B 304 4.64 -12.58 22.01
N ALA B 305 3.33 -12.38 22.05
CA ALA B 305 2.46 -12.93 21.01
C ALA B 305 2.77 -12.33 19.64
N ALA B 306 3.05 -11.02 19.60
CA ALA B 306 3.43 -10.38 18.34
C ALA B 306 4.73 -10.95 17.80
N GLN B 307 5.72 -11.16 18.67
CA GLN B 307 6.97 -11.78 18.23
C GLN B 307 6.72 -13.18 17.67
N ARG B 308 5.91 -13.97 18.38
CA ARG B 308 5.60 -15.32 17.93
C ARG B 308 4.89 -15.32 16.58
N GLY B 309 3.91 -14.43 16.41
CA GLY B 309 3.23 -14.32 15.14
C GLY B 309 4.18 -13.93 14.01
N HIS B 310 5.11 -13.02 14.30
CA HIS B 310 6.10 -12.65 13.30
C HIS B 310 6.96 -13.85 12.90
N LEU B 311 7.38 -14.65 13.88
CA LEU B 311 8.21 -15.81 13.57
C LEU B 311 7.45 -16.81 12.70
N LEU B 312 6.21 -17.13 13.09
CA LEU B 312 5.41 -18.08 12.33
C LEU B 312 5.15 -17.56 10.92
N ALA B 313 4.80 -16.28 10.79
CA ALA B 313 4.55 -15.70 9.48
C ALA B 313 5.80 -15.74 8.62
N ALA B 314 6.97 -15.47 9.20
CA ALA B 314 8.21 -15.54 8.44
C ALA B 314 8.43 -16.94 7.90
N THR B 315 8.24 -17.95 8.75
CA THR B 315 8.39 -19.33 8.28
C THR B 315 7.42 -19.62 7.15
N VAL B 316 6.18 -19.13 7.27
CA VAL B 316 5.18 -19.38 6.23
C VAL B 316 5.59 -18.72 4.92
N ILE B 317 6.10 -17.49 4.97
CA ILE B 317 6.47 -16.81 3.73
C ILE B 317 7.79 -17.32 3.15
N GLN B 318 8.61 -18.01 3.93
CA GLN B 318 9.85 -18.55 3.39
C GLN B 318 9.65 -19.89 2.70
N HIS B 319 8.44 -20.43 2.70
CA HIS B 319 8.14 -21.70 2.05
C HIS B 319 6.92 -21.52 1.15
N ARG B 320 6.89 -22.29 0.06
CA ARG B 320 5.79 -22.19 -0.89
C ARG B 320 4.52 -22.81 -0.32
N GLY B 321 3.38 -22.33 -0.81
CA GLY B 321 2.08 -22.87 -0.46
C GLY B 321 1.41 -22.09 0.65
N ALA B 322 0.07 -22.14 0.67
CA ALA B 322 -0.69 -21.46 1.72
C ALA B 322 -0.47 -22.12 3.07
N ILE B 323 -0.65 -23.44 3.13
CA ILE B 323 -0.41 -24.22 4.34
C ILE B 323 0.93 -24.91 4.18
N ILE B 324 1.93 -24.48 4.94
CA ILE B 324 3.27 -25.04 4.82
C ILE B 324 3.27 -26.40 5.53
N PRO B 325 4.20 -27.29 5.20
CA PRO B 325 4.20 -28.62 5.84
C PRO B 325 4.48 -28.51 7.33
N ALA B 326 3.97 -29.50 8.08
CA ALA B 326 4.21 -29.55 9.51
C ALA B 326 5.69 -29.66 9.84
N ALA B 327 6.48 -30.26 8.93
CA ALA B 327 7.90 -30.46 9.19
C ALA B 327 8.63 -29.14 9.40
N MET B 328 8.32 -28.12 8.60
CA MET B 328 9.06 -26.86 8.63
C MET B 328 8.58 -25.89 9.70
N MET B 329 7.59 -26.26 10.51
CA MET B 329 7.09 -25.34 11.52
C MET B 329 8.15 -25.06 12.59
N PRO B 330 8.09 -23.88 13.22
CA PRO B 330 9.05 -23.53 14.27
C PRO B 330 8.76 -24.17 15.62
N GLU B 331 9.84 -24.48 16.33
CA GLU B 331 9.74 -24.99 17.69
C GLU B 331 9.14 -23.94 18.62
N ALA B 332 8.18 -24.35 19.43
CA ALA B 332 7.48 -23.43 20.32
C ALA B 332 8.19 -23.33 21.68
#